data_3T7K
#
_entry.id   3T7K
#
_cell.length_a   34.517
_cell.length_b   59.255
_cell.length_c   85.890
_cell.angle_alpha   78.36
_cell.angle_beta   89.68
_cell.angle_gamma   73.17
#
_symmetry.space_group_name_H-M   'P 1'
#
loop_
_entity.id
_entity.type
_entity.pdbx_description
1 polymer 'Regulator of Ty1 transposition protein 107'
2 polymer 'Histone H2A.1'
3 water water
#
loop_
_entity_poly.entity_id
_entity_poly.type
_entity_poly.pdbx_seq_one_letter_code
_entity_poly.pdbx_strand_id
1 'polypeptide(L)'
;GSPHMTKAEKILARFNELPNYDLKAVCTGCFHDGFNEVDIEILNQLGIKIFDNIKETDKLNCIFAPKILRTEKFLKSLSF
EPLKFALKPEFIIDLLKQIHSKKDKLSQININLFDYEINGINESIISKTKLPTKVFERANIRCINLVNDIPGGVDTIGSV
LKAHGIEKINVLRSKKCTFEDIIPNDVSKQENGGIFKYVLIVTKASQVKKFTKLINDRDKNETILIVEWNWCVESIFHLN
VDFTSKKNVLYQKKNN
;
A,B
2 'polypeptide(L)' ATKA(SEP)QEL C,D
#
# COMPACT_ATOMS: atom_id res chain seq x y z
N LYS A 7 23.12 -11.01 -19.34
CA LYS A 7 22.36 -12.19 -19.75
C LYS A 7 20.85 -12.07 -19.50
N ALA A 8 20.49 -11.59 -18.32
CA ALA A 8 19.09 -11.25 -18.04
C ALA A 8 18.76 -9.94 -18.74
N GLU A 9 19.78 -9.10 -18.89
CA GLU A 9 19.67 -7.86 -19.65
C GLU A 9 19.14 -8.14 -21.04
N LYS A 10 19.69 -9.16 -21.69
CA LYS A 10 19.27 -9.54 -23.02
C LYS A 10 17.77 -9.78 -23.06
N ILE A 11 17.27 -10.60 -22.14
CA ILE A 11 15.84 -10.85 -22.07
C ILE A 11 15.09 -9.54 -21.78
N LEU A 12 15.70 -8.70 -20.97
CA LEU A 12 15.09 -7.44 -20.55
C LEU A 12 15.40 -6.28 -21.50
N ALA A 13 16.22 -6.54 -22.51
CA ALA A 13 16.55 -5.51 -23.46
C ALA A 13 15.30 -5.20 -24.28
N ARG A 14 14.52 -6.24 -24.56
CA ARG A 14 13.39 -6.10 -25.46
C ARG A 14 12.25 -5.31 -24.85
N PHE A 15 12.43 -4.85 -23.61
CA PHE A 15 11.39 -4.04 -22.98
C PHE A 15 11.72 -2.55 -23.02
N ASN A 16 10.72 -1.75 -23.42
CA ASN A 16 10.87 -0.30 -23.52
C ASN A 16 11.16 0.35 -22.17
N GLU A 17 10.57 -0.21 -21.12
CA GLU A 17 10.65 0.34 -19.78
C GLU A 17 10.26 -0.75 -18.79
N LEU A 18 10.87 -0.75 -17.60
CA LEU A 18 10.61 -1.80 -16.60
C LEU A 18 10.00 -1.24 -15.32
N PRO A 19 8.93 -1.87 -14.81
CA PRO A 19 8.38 -1.35 -13.57
C PRO A 19 9.34 -1.58 -12.42
N ASN A 20 9.19 -0.81 -11.34
CA ASN A 20 9.95 -1.02 -10.13
C ASN A 20 8.96 -1.38 -9.03
N TYR A 21 8.85 -2.67 -8.75
CA TYR A 21 7.82 -3.16 -7.80
C TYR A 21 8.14 -2.82 -6.35
N ASP A 22 9.39 -2.44 -6.11
CA ASP A 22 9.89 -2.07 -4.79
C ASP A 22 9.46 -3.05 -3.70
N LEU A 23 9.78 -4.31 -3.91
CA LEU A 23 9.48 -5.35 -2.93
C LEU A 23 10.75 -5.82 -2.24
N LYS A 24 10.68 -5.93 -0.91
CA LYS A 24 11.70 -6.60 -0.13
C LYS A 24 11.03 -7.76 0.61
N ALA A 25 11.22 -8.99 0.13
CA ALA A 25 10.33 -10.07 0.52
C ALA A 25 11.00 -11.30 1.11
N VAL A 26 10.18 -12.13 1.74
CA VAL A 26 10.54 -13.51 2.00
C VAL A 26 9.40 -14.35 1.47
N CYS A 27 9.72 -15.60 1.12
CA CYS A 27 8.71 -16.57 0.75
C CYS A 27 8.60 -17.60 1.87
N THR A 28 7.40 -18.11 2.07
CA THR A 28 7.17 -19.18 3.02
C THR A 28 6.06 -20.01 2.38
N GLY A 29 6.16 -21.34 2.46
CA GLY A 29 5.20 -22.21 1.79
C GLY A 29 5.30 -22.16 0.26
N CYS A 30 6.38 -21.56 -0.24
CA CYS A 30 6.64 -21.49 -1.68
C CYS A 30 8.09 -21.15 -1.95
N PHE A 31 8.55 -21.40 -3.18
CA PHE A 31 9.90 -21.06 -3.65
C PHE A 31 11.03 -21.37 -2.65
N HIS A 32 11.11 -22.60 -2.13
CA HIS A 32 11.95 -22.82 -0.94
C HIS A 32 13.50 -22.80 -1.06
N ASP A 33 14.02 -22.46 -2.23
CA ASP A 33 15.31 -21.76 -2.25
C ASP A 33 15.30 -20.65 -3.26
N GLY A 34 15.00 -20.97 -4.52
CA GLY A 34 15.04 -19.96 -5.56
C GLY A 34 14.51 -20.36 -6.93
N PHE A 35 14.87 -19.54 -7.90
CA PHE A 35 14.52 -19.74 -9.28
C PHE A 35 15.91 -19.67 -9.86
N ASN A 36 16.06 -19.84 -11.16
CA ASN A 36 17.40 -19.84 -11.74
C ASN A 36 18.07 -18.46 -11.60
N GLU A 37 19.35 -18.36 -11.94
CA GLU A 37 20.11 -17.12 -11.72
C GLU A 37 19.64 -15.97 -12.59
N VAL A 38 19.22 -16.28 -13.81
CA VAL A 38 18.62 -15.26 -14.66
C VAL A 38 17.30 -14.80 -14.05
N ASP A 39 16.43 -15.75 -13.71
CA ASP A 39 15.17 -15.45 -13.03
C ASP A 39 15.31 -14.47 -11.87
N ILE A 40 16.34 -14.64 -11.03
CA ILE A 40 16.46 -13.71 -9.92
C ILE A 40 17.05 -12.40 -10.37
N GLU A 41 17.99 -12.47 -11.31
CA GLU A 41 18.58 -11.26 -11.88
C GLU A 41 17.51 -10.34 -12.49
N ILE A 42 16.57 -10.92 -13.22
CA ILE A 42 15.41 -10.21 -13.72
C ILE A 42 14.63 -9.56 -12.57
N LEU A 43 14.38 -10.34 -11.52
CA LEU A 43 13.62 -9.82 -10.38
C LEU A 43 14.26 -8.59 -9.79
N ASN A 44 15.57 -8.61 -9.58
CA ASN A 44 16.26 -7.45 -9.01
C ASN A 44 16.12 -6.25 -9.93
N GLN A 45 16.14 -6.50 -11.23
CA GLN A 45 16.03 -5.41 -12.19
C GLN A 45 14.63 -4.81 -12.14
N LEU A 46 13.69 -5.55 -11.57
CA LEU A 46 12.30 -5.10 -11.49
C LEU A 46 11.97 -4.60 -10.11
N GLY A 47 13.02 -4.38 -9.31
CA GLY A 47 12.85 -3.85 -7.97
C GLY A 47 12.22 -4.85 -7.04
N ILE A 48 12.48 -6.13 -7.28
CA ILE A 48 12.03 -7.20 -6.38
C ILE A 48 13.25 -7.93 -5.83
N LYS A 49 13.45 -7.83 -4.52
CA LYS A 49 14.55 -8.50 -3.84
C LYS A 49 14.00 -9.52 -2.84
N ILE A 50 14.39 -10.78 -3.00
CA ILE A 50 13.90 -11.85 -2.14
C ILE A 50 14.99 -12.34 -1.20
N PHE A 51 14.71 -12.30 0.10
CA PHE A 51 15.69 -12.70 1.11
C PHE A 51 15.47 -14.12 1.63
N ASP A 52 16.53 -14.71 2.17
CA ASP A 52 16.46 -16.08 2.70
C ASP A 52 15.79 -16.10 4.06
N ASN A 53 16.29 -15.25 4.95
CA ASN A 53 15.77 -15.17 6.30
C ASN A 53 15.32 -13.75 6.59
N ILE A 54 14.59 -13.55 7.68
CA ILE A 54 14.15 -12.23 8.09
C ILE A 54 15.15 -11.54 8.99
N LYS A 55 15.69 -10.43 8.53
CA LYS A 55 16.58 -9.59 9.35
C LYS A 55 15.94 -8.20 9.54
N GLU A 56 15.86 -7.78 10.80
CA GLU A 56 15.09 -6.58 11.13
C GLU A 56 15.54 -5.34 10.37
N THR A 57 16.82 -5.26 10.04
CA THR A 57 17.34 -4.05 9.42
C THR A 57 17.33 -4.11 7.89
N ASP A 58 16.66 -5.12 7.34
CA ASP A 58 16.44 -5.18 5.89
C ASP A 58 15.14 -4.47 5.51
N LYS A 59 14.37 -4.11 6.53
CA LYS A 59 13.11 -3.42 6.35
C LYS A 59 12.24 -4.14 5.32
N LEU A 60 12.09 -5.45 5.47
CA LEU A 60 11.21 -6.20 4.59
C LEU A 60 9.82 -5.58 4.56
N ASN A 61 9.12 -5.71 3.44
CA ASN A 61 7.79 -5.14 3.32
C ASN A 61 6.82 -6.07 2.62
N CYS A 62 7.27 -7.28 2.32
CA CYS A 62 6.48 -8.19 1.52
C CYS A 62 6.62 -9.62 1.98
N ILE A 63 5.54 -10.38 1.85
CA ILE A 63 5.58 -11.82 2.08
C ILE A 63 4.87 -12.47 0.93
N PHE A 64 5.51 -13.45 0.32
CA PHE A 64 4.86 -14.34 -0.65
C PHE A 64 4.50 -15.64 0.06
N ALA A 65 3.26 -16.08 -0.11
CA ALA A 65 2.79 -17.33 0.48
C ALA A 65 1.49 -17.69 -0.22
N PRO A 66 1.23 -18.99 -0.38
CA PRO A 66 -0.01 -19.48 -1.00
C PRO A 66 -1.26 -19.15 -0.20
N LYS A 67 -1.13 -19.05 1.12
CA LYS A 67 -2.27 -18.78 2.00
C LYS A 67 -1.76 -18.39 3.38
N ILE A 68 -2.65 -17.91 4.24
CA ILE A 68 -2.25 -17.66 5.62
C ILE A 68 -1.65 -18.93 6.21
N LEU A 69 -0.43 -18.84 6.72
CA LEU A 69 0.27 -19.99 7.26
C LEU A 69 0.83 -19.73 8.66
N ARG A 70 1.09 -20.80 9.41
CA ARG A 70 1.58 -20.67 10.77
C ARG A 70 3.09 -20.81 10.83
N THR A 71 3.77 -20.50 9.74
CA THR A 71 5.22 -20.60 9.73
C THR A 71 5.81 -19.46 10.53
N GLU A 72 7.04 -19.64 10.99
CA GLU A 72 7.75 -18.55 11.64
C GLU A 72 7.79 -17.29 10.75
N LYS A 73 8.13 -17.47 9.48
CA LYS A 73 8.20 -16.37 8.53
C LYS A 73 6.87 -15.64 8.35
N PHE A 74 5.80 -16.39 8.17
CA PHE A 74 4.50 -15.74 8.04
C PHE A 74 4.14 -14.94 9.28
N LEU A 75 4.31 -15.55 10.45
CA LEU A 75 3.96 -14.88 11.70
C LEU A 75 4.80 -13.64 11.86
N LYS A 76 6.07 -13.76 11.47
CA LYS A 76 6.96 -12.61 11.58
C LYS A 76 6.66 -11.53 10.55
N SER A 77 6.11 -11.88 9.40
CA SER A 77 5.78 -10.85 8.41
C SER A 77 4.74 -9.87 8.98
N LEU A 78 3.95 -10.34 9.94
CA LEU A 78 2.94 -9.47 10.55
C LEU A 78 3.53 -8.43 11.52
N SER A 79 4.86 -8.48 11.70
CA SER A 79 5.58 -7.39 12.37
C SER A 79 6.60 -6.68 11.47
N PHE A 80 6.40 -6.71 10.16
CA PHE A 80 7.16 -5.84 9.26
C PHE A 80 6.74 -4.38 9.51
N GLU A 81 7.61 -3.44 9.17
CA GLU A 81 7.43 -2.05 9.56
C GLU A 81 7.40 -1.04 8.39
N PRO A 82 6.33 -1.05 7.59
CA PRO A 82 5.17 -1.94 7.75
C PRO A 82 5.23 -3.09 6.77
N LEU A 83 4.23 -3.98 6.87
CA LEU A 83 3.96 -4.94 5.82
C LEU A 83 3.15 -4.18 4.78
N LYS A 84 3.54 -4.28 3.51
CA LYS A 84 2.84 -3.55 2.47
C LYS A 84 2.10 -4.49 1.54
N PHE A 85 2.66 -5.67 1.36
CA PHE A 85 2.15 -6.62 0.40
C PHE A 85 2.24 -8.05 0.93
N ALA A 86 1.14 -8.77 0.84
CA ALA A 86 1.12 -10.17 1.18
C ALA A 86 0.57 -10.83 -0.06
N LEU A 87 1.45 -11.42 -0.86
CA LEU A 87 1.09 -11.84 -2.20
C LEU A 87 1.23 -13.35 -2.42
N LYS A 88 0.37 -13.89 -3.28
CA LYS A 88 0.53 -15.26 -3.75
C LYS A 88 1.75 -15.38 -4.66
N PRO A 89 2.36 -16.57 -4.69
CA PRO A 89 3.52 -16.79 -5.55
C PRO A 89 3.14 -16.68 -7.02
N GLU A 90 1.86 -16.79 -7.36
CA GLU A 90 1.39 -16.59 -8.72
C GLU A 90 1.89 -15.25 -9.30
N PHE A 91 2.18 -14.30 -8.42
CA PHE A 91 2.71 -13.02 -8.87
C PHE A 91 4.08 -13.18 -9.51
N ILE A 92 5.00 -13.82 -8.80
CA ILE A 92 6.33 -14.04 -9.32
C ILE A 92 6.25 -14.95 -10.55
N ILE A 93 5.31 -15.89 -10.52
CA ILE A 93 5.17 -16.84 -11.61
C ILE A 93 4.61 -16.19 -12.88
N ASP A 94 3.48 -15.50 -12.77
CA ASP A 94 2.89 -14.82 -13.91
C ASP A 94 3.84 -13.76 -14.47
N LEU A 95 4.62 -13.16 -13.58
CA LEU A 95 5.57 -12.12 -13.95
C LEU A 95 6.72 -12.67 -14.75
N LEU A 96 7.34 -13.73 -14.23
CA LEU A 96 8.43 -14.37 -14.95
C LEU A 96 7.94 -14.97 -16.27
N LYS A 97 6.71 -15.45 -16.27
CA LYS A 97 6.11 -16.02 -17.47
C LYS A 97 5.97 -14.95 -18.55
N GLN A 98 5.58 -13.76 -18.14
CA GLN A 98 5.40 -12.66 -19.08
C GLN A 98 6.73 -12.19 -19.65
N ILE A 99 7.76 -12.20 -18.81
CA ILE A 99 9.08 -11.72 -19.18
C ILE A 99 9.82 -12.66 -20.13
N HIS A 100 9.41 -13.93 -20.15
CA HIS A 100 10.05 -14.91 -21.03
C HIS A 100 9.26 -15.16 -22.33
N GLN A 108 4.83 -5.16 -23.31
CA GLN A 108 5.17 -4.50 -22.06
C GLN A 108 4.77 -5.35 -20.85
N ILE A 109 5.36 -5.06 -19.69
CA ILE A 109 5.10 -5.78 -18.46
C ILE A 109 3.92 -5.17 -17.73
N ASN A 110 2.88 -5.96 -17.48
CA ASN A 110 1.66 -5.41 -16.91
C ASN A 110 1.16 -6.17 -15.70
N ILE A 111 1.97 -7.06 -15.17
CA ILE A 111 1.59 -7.77 -13.95
C ILE A 111 1.43 -6.80 -12.79
N ASN A 112 0.26 -6.82 -12.16
CA ASN A 112 -0.04 -5.86 -11.09
C ASN A 112 -0.03 -6.46 -9.67
N LEU A 113 0.11 -5.58 -8.69
CA LEU A 113 0.26 -5.99 -7.30
C LEU A 113 -1.09 -6.12 -6.58
N PHE A 114 -2.18 -6.17 -7.33
CA PHE A 114 -3.50 -6.19 -6.69
C PHE A 114 -4.25 -7.48 -6.97
N ASP A 115 -3.87 -8.18 -8.02
CA ASP A 115 -4.58 -9.38 -8.41
C ASP A 115 -4.05 -10.65 -7.76
N TYR A 116 -3.27 -10.51 -6.70
CA TYR A 116 -2.63 -11.66 -6.09
C TYR A 116 -2.67 -11.65 -4.57
N GLU A 117 -3.78 -11.18 -4.02
CA GLU A 117 -3.92 -11.11 -2.56
C GLU A 117 -4.04 -12.50 -1.92
N ILE A 118 -3.39 -12.66 -0.77
CA ILE A 118 -3.58 -13.85 0.05
C ILE A 118 -4.90 -13.77 0.80
N ASN A 119 -5.70 -14.83 0.74
CA ASN A 119 -7.00 -14.87 1.40
C ASN A 119 -6.93 -14.66 2.91
N GLY A 120 -7.60 -13.62 3.40
CA GLY A 120 -7.73 -13.38 4.83
C GLY A 120 -6.80 -12.29 5.33
N ILE A 121 -5.88 -11.88 4.49
CA ILE A 121 -4.95 -10.83 4.87
C ILE A 121 -5.39 -9.53 4.20
N ASN A 122 -6.40 -8.90 4.79
CA ASN A 122 -6.98 -7.69 4.23
C ASN A 122 -6.21 -6.42 4.57
N GLU A 123 -6.68 -5.29 4.08
CA GLU A 123 -6.04 -4.01 4.36
C GLU A 123 -6.07 -3.68 5.85
N SER A 124 -7.19 -3.93 6.51
CA SER A 124 -7.31 -3.58 7.92
C SER A 124 -6.19 -4.21 8.74
N ILE A 125 -5.87 -5.46 8.42
CA ILE A 125 -4.79 -6.17 9.10
C ILE A 125 -3.41 -5.69 8.69
N ILE A 126 -3.15 -5.62 7.39
CA ILE A 126 -1.88 -5.11 6.89
C ILE A 126 -1.59 -3.74 7.49
N SER A 127 -2.59 -2.88 7.58
CA SER A 127 -2.36 -1.52 8.04
C SER A 127 -2.05 -1.42 9.54
N LYS A 128 -2.38 -2.45 10.32
CA LYS A 128 -2.00 -2.48 11.73
C LYS A 128 -0.48 -2.56 11.89
N THR A 129 0.22 -3.02 10.87
CA THR A 129 1.68 -3.07 10.96
C THR A 129 2.35 -1.69 10.94
N LYS A 130 1.59 -0.65 10.59
CA LYS A 130 2.11 0.72 10.65
C LYS A 130 2.03 1.32 12.06
N LEU A 131 1.17 0.74 12.90
CA LEU A 131 1.07 1.23 14.27
C LEU A 131 2.45 1.36 14.89
N PRO A 132 2.60 2.33 15.79
CA PRO A 132 3.87 2.60 16.46
C PRO A 132 4.15 1.61 17.61
N THR A 133 3.30 0.58 17.74
CA THR A 133 3.51 -0.45 18.76
C THR A 133 3.39 -1.85 18.17
N LYS A 134 3.88 -2.84 18.89
CA LYS A 134 3.67 -4.23 18.51
C LYS A 134 2.44 -4.77 19.25
N VAL A 135 1.92 -5.90 18.79
CA VAL A 135 0.62 -6.36 19.25
C VAL A 135 0.67 -6.66 20.76
N PHE A 136 1.72 -7.34 21.23
CA PHE A 136 1.78 -7.67 22.67
C PHE A 136 2.16 -6.47 23.54
N GLU A 137 2.85 -5.51 22.93
CA GLU A 137 3.25 -4.33 23.64
C GLU A 137 2.00 -3.49 23.93
N ARG A 138 1.13 -3.40 22.93
CA ARG A 138 -0.17 -2.76 23.05
C ARG A 138 -0.99 -3.41 24.16
N ALA A 139 -0.73 -4.70 24.38
CA ALA A 139 -1.51 -5.50 25.32
C ALA A 139 -0.89 -5.53 26.71
N ASN A 140 0.24 -4.86 26.88
CA ASN A 140 0.93 -4.86 28.17
C ASN A 140 1.36 -6.25 28.59
N ILE A 141 1.76 -7.05 27.61
CA ILE A 141 2.42 -8.32 27.87
C ILE A 141 3.88 -8.08 27.48
N ARG A 142 4.72 -7.80 28.48
CA ARG A 142 6.12 -7.50 28.23
C ARG A 142 7.06 -8.66 28.56
N CYS A 143 6.89 -9.24 29.75
CA CYS A 143 7.70 -10.38 30.16
C CYS A 143 6.80 -11.58 30.45
N ILE A 144 7.16 -12.72 29.86
CA ILE A 144 6.35 -13.92 30.01
C ILE A 144 7.22 -15.12 30.36
N ASN A 145 6.58 -16.13 30.92
CA ASN A 145 7.25 -17.40 31.14
C ASN A 145 6.74 -18.41 30.12
N LEU A 146 7.65 -19.21 29.58
CA LEU A 146 7.32 -20.13 28.53
C LEU A 146 7.82 -21.50 28.94
N VAL A 147 6.95 -22.52 28.89
CA VAL A 147 7.38 -23.87 29.24
C VAL A 147 8.36 -24.38 28.18
N ASN A 148 9.33 -25.17 28.60
CA ASN A 148 10.41 -25.65 27.73
C ASN A 148 9.94 -26.70 26.74
N ASP A 149 8.76 -27.25 26.94
CA ASP A 149 8.27 -28.30 26.06
C ASP A 149 7.26 -27.75 25.04
N ILE A 150 7.36 -26.45 24.77
CA ILE A 150 6.49 -25.84 23.77
C ILE A 150 6.87 -26.36 22.39
N PRO A 151 5.88 -26.87 21.65
CA PRO A 151 6.03 -27.35 20.28
C PRO A 151 6.53 -26.26 19.35
N GLY A 152 7.62 -26.55 18.65
CA GLY A 152 8.30 -25.58 17.82
C GLY A 152 9.61 -25.23 18.49
N GLY A 153 9.64 -25.41 19.82
CA GLY A 153 10.83 -25.09 20.58
C GLY A 153 10.90 -23.64 21.03
N VAL A 154 11.50 -23.41 22.20
CA VAL A 154 11.53 -22.09 22.77
C VAL A 154 12.24 -21.06 21.88
N ASP A 155 13.27 -21.51 21.17
CA ASP A 155 14.08 -20.58 20.39
C ASP A 155 13.25 -19.87 19.31
N THR A 156 12.47 -20.65 18.57
CA THR A 156 11.66 -20.15 17.47
C THR A 156 10.46 -19.39 17.98
N ILE A 157 9.66 -20.07 18.79
CA ILE A 157 8.50 -19.43 19.39
C ILE A 157 8.93 -18.15 20.12
N GLY A 158 10.07 -18.20 20.77
CA GLY A 158 10.59 -17.02 21.42
C GLY A 158 10.86 -15.91 20.41
N SER A 159 11.40 -16.29 19.26
CA SER A 159 11.78 -15.30 18.26
C SER A 159 10.53 -14.65 17.69
N VAL A 160 9.48 -15.42 17.48
CA VAL A 160 8.21 -14.86 17.01
C VAL A 160 7.60 -13.89 18.03
N LEU A 161 7.66 -14.26 19.31
CA LEU A 161 7.07 -13.44 20.35
C LEU A 161 7.84 -12.14 20.52
N LYS A 162 9.16 -12.22 20.42
CA LYS A 162 9.97 -11.02 20.59
C LYS A 162 9.75 -10.07 19.41
N ALA A 163 9.59 -10.63 18.22
CA ALA A 163 9.33 -9.81 17.04
C ALA A 163 8.05 -9.04 17.24
N HIS A 164 7.20 -9.55 18.14
CA HIS A 164 5.88 -8.96 18.33
C HIS A 164 5.71 -8.22 19.66
N GLY A 165 6.82 -7.78 20.24
CA GLY A 165 6.77 -6.84 21.34
C GLY A 165 7.10 -7.41 22.72
N ILE A 166 7.32 -8.71 22.83
CA ILE A 166 7.73 -9.29 24.12
C ILE A 166 9.23 -9.05 24.41
N GLU A 167 9.51 -8.34 25.50
CA GLU A 167 10.89 -7.94 25.85
C GLU A 167 11.70 -9.04 26.55
N LYS A 168 11.02 -9.88 27.31
CA LYS A 168 11.71 -10.94 28.05
C LYS A 168 10.96 -12.27 28.00
N ILE A 169 11.70 -13.32 27.65
CA ILE A 169 11.16 -14.66 27.59
C ILE A 169 11.90 -15.51 28.58
N ASN A 170 11.23 -15.85 29.67
CA ASN A 170 11.84 -16.70 30.66
C ASN A 170 11.35 -18.13 30.48
N VAL A 171 12.26 -19.01 30.09
CA VAL A 171 11.92 -20.39 29.87
C VAL A 171 11.93 -21.17 31.18
N LEU A 172 10.84 -21.89 31.43
CA LEU A 172 10.70 -22.62 32.69
C LEU A 172 10.76 -24.12 32.45
N ARG A 173 11.66 -24.78 33.16
CA ARG A 173 11.67 -26.24 33.21
C ARG A 173 10.41 -26.65 33.95
N SER A 174 9.42 -27.11 33.22
CA SER A 174 8.10 -27.42 33.78
C SER A 174 8.19 -28.21 35.08
N LYS A 175 8.65 -29.45 35.00
CA LYS A 175 8.63 -30.40 36.13
C LYS A 175 9.40 -29.92 37.37
N LYS A 176 10.51 -29.22 37.16
CA LYS A 176 11.44 -28.94 38.26
C LYS A 176 11.40 -27.51 38.80
N CYS A 177 10.67 -26.62 38.14
CA CYS A 177 10.77 -25.20 38.49
C CYS A 177 10.01 -24.80 39.75
N THR A 178 10.56 -23.85 40.48
CA THR A 178 9.95 -23.33 41.69
C THR A 178 9.40 -21.95 41.39
N PHE A 179 8.78 -21.36 42.40
CA PHE A 179 8.21 -20.02 42.28
C PHE A 179 9.27 -18.97 41.95
N GLU A 180 10.45 -19.11 42.56
CA GLU A 180 11.53 -18.15 42.31
C GLU A 180 11.94 -18.07 40.82
N ASP A 181 11.74 -19.14 40.06
CA ASP A 181 12.09 -19.12 38.64
C ASP A 181 11.11 -18.29 37.82
N ILE A 182 9.91 -18.12 38.34
CA ILE A 182 8.89 -17.40 37.60
C ILE A 182 9.13 -15.90 37.65
N ILE A 183 9.20 -15.28 36.48
CA ILE A 183 9.37 -13.83 36.44
C ILE A 183 8.05 -13.11 36.26
N PRO A 184 7.93 -11.92 36.84
CA PRO A 184 6.72 -11.12 36.73
C PRO A 184 6.69 -10.35 35.41
N ASN A 185 5.51 -9.91 35.02
CA ASN A 185 5.31 -9.12 33.81
C ASN A 185 5.45 -7.63 34.16
N ASP A 186 6.70 -7.15 34.19
CA ASP A 186 6.98 -5.78 34.60
C ASP A 186 6.84 -4.82 33.43
N ILE A 195 -3.37 -5.01 34.40
CA ILE A 195 -2.14 -5.67 33.98
C ILE A 195 -1.88 -6.99 34.71
N PHE A 196 -1.51 -8.02 33.96
CA PHE A 196 -1.26 -9.32 34.57
C PHE A 196 0.14 -9.36 35.14
N LYS A 197 0.25 -9.68 36.43
CA LYS A 197 1.55 -9.73 37.07
C LYS A 197 2.35 -10.94 36.60
N TYR A 198 1.66 -12.02 36.29
CA TYR A 198 2.32 -13.24 35.85
C TYR A 198 1.68 -13.75 34.56
N VAL A 199 2.50 -14.00 33.55
CA VAL A 199 1.98 -14.47 32.31
C VAL A 199 2.76 -15.68 31.91
N LEU A 200 2.06 -16.78 31.66
CA LEU A 200 2.74 -18.01 31.30
C LEU A 200 2.10 -18.65 30.09
N ILE A 201 2.93 -19.23 29.22
CA ILE A 201 2.44 -19.90 28.04
C ILE A 201 2.76 -21.35 28.28
N VAL A 202 1.74 -22.20 28.28
CA VAL A 202 1.96 -23.58 28.67
C VAL A 202 1.39 -24.56 27.67
N THR A 203 1.75 -25.83 27.86
CA THR A 203 1.35 -26.92 26.98
C THR A 203 0.19 -27.74 27.54
N LYS A 204 0.30 -28.18 28.80
CA LYS A 204 -0.67 -29.13 29.35
C LYS A 204 -1.33 -28.69 30.66
N ALA A 205 -2.42 -29.36 31.01
CA ALA A 205 -3.16 -29.06 32.24
C ALA A 205 -2.32 -29.33 33.49
N SER A 206 -1.48 -30.35 33.45
CA SER A 206 -0.63 -30.62 34.60
C SER A 206 0.09 -29.34 34.97
N GLN A 207 0.53 -28.62 33.93
CA GLN A 207 1.31 -27.40 34.10
C GLN A 207 0.48 -26.26 34.68
N VAL A 208 -0.78 -26.15 34.27
CA VAL A 208 -1.63 -25.13 34.83
C VAL A 208 -1.70 -25.26 36.36
N LYS A 209 -2.01 -26.47 36.83
CA LYS A 209 -2.18 -26.71 38.25
C LYS A 209 -0.92 -26.45 39.06
N LYS A 210 0.23 -26.91 38.57
CA LYS A 210 1.48 -26.61 39.24
C LYS A 210 1.67 -25.10 39.43
N PHE A 211 1.55 -24.33 38.35
CA PHE A 211 1.88 -22.92 38.40
C PHE A 211 0.90 -22.09 39.20
N THR A 212 -0.39 -22.41 39.06
CA THR A 212 -1.38 -21.66 39.82
C THR A 212 -1.17 -21.90 41.31
N LYS A 213 -0.76 -23.11 41.67
CA LYS A 213 -0.51 -23.42 43.08
C LYS A 213 0.68 -22.66 43.65
N LEU A 214 1.79 -22.69 42.93
CA LEU A 214 2.99 -21.93 43.31
C LEU A 214 2.70 -20.49 43.55
N ILE A 215 2.06 -19.86 42.58
CA ILE A 215 1.85 -18.43 42.67
C ILE A 215 0.85 -18.09 43.76
N ASN A 216 -0.25 -18.82 43.81
CA ASN A 216 -1.23 -18.55 44.86
C ASN A 216 -0.70 -18.76 46.29
N ASP A 217 0.20 -19.73 46.46
CA ASP A 217 0.89 -19.86 47.75
C ASP A 217 1.79 -18.67 48.09
N ARG A 218 2.56 -18.19 47.11
CA ARG A 218 3.59 -17.19 47.41
C ARG A 218 3.19 -15.73 47.14
N ASP A 219 2.19 -15.51 46.31
CA ASP A 219 1.80 -14.15 45.91
C ASP A 219 0.29 -14.16 45.65
N LYS A 220 -0.45 -14.52 46.71
CA LYS A 220 -1.88 -14.82 46.66
C LYS A 220 -2.77 -13.77 46.02
N ASN A 221 -2.48 -12.51 46.27
CA ASN A 221 -3.41 -11.49 45.81
C ASN A 221 -3.08 -10.97 44.42
N GLU A 222 -2.15 -11.61 43.73
CA GLU A 222 -1.70 -11.06 42.44
C GLU A 222 -2.35 -11.72 41.24
N THR A 223 -2.29 -11.06 40.08
CA THR A 223 -3.01 -11.53 38.90
C THR A 223 -2.17 -12.43 38.00
N ILE A 224 -2.83 -13.35 37.32
CA ILE A 224 -2.15 -14.37 36.54
C ILE A 224 -2.89 -14.66 35.26
N LEU A 225 -2.15 -14.78 34.17
CA LEU A 225 -2.73 -15.17 32.90
C LEU A 225 -1.96 -16.36 32.38
N ILE A 226 -2.67 -17.43 32.04
CA ILE A 226 -2.01 -18.62 31.51
C ILE A 226 -2.71 -19.04 30.24
N VAL A 227 -1.97 -19.12 29.14
CA VAL A 227 -2.56 -19.37 27.84
C VAL A 227 -1.84 -20.45 27.09
N GLU A 228 -2.42 -20.86 25.97
CA GLU A 228 -1.79 -21.79 25.05
C GLU A 228 -1.08 -21.01 23.95
N TRP A 229 -0.17 -21.69 23.24
CA TRP A 229 0.53 -21.06 22.12
C TRP A 229 -0.44 -20.49 21.10
N ASN A 230 -1.59 -21.14 20.94
CA ASN A 230 -2.57 -20.71 19.95
C ASN A 230 -3.20 -19.38 20.28
N TRP A 231 -3.16 -19.01 21.56
CA TRP A 231 -3.66 -17.71 21.97
C TRP A 231 -2.78 -16.62 21.33
N CYS A 232 -1.48 -16.86 21.30
CA CYS A 232 -0.53 -15.92 20.72
C CYS A 232 -0.66 -15.88 19.21
N VAL A 233 -0.83 -17.05 18.60
CA VAL A 233 -0.95 -17.13 17.14
C VAL A 233 -2.16 -16.35 16.66
N GLU A 234 -3.30 -16.54 17.32
CA GLU A 234 -4.49 -15.86 16.88
C GLU A 234 -4.41 -14.36 17.18
N SER A 235 -3.71 -13.99 18.25
CA SER A 235 -3.48 -12.59 18.56
C SER A 235 -2.68 -11.98 17.39
N ILE A 236 -1.68 -12.70 16.93
CA ILE A 236 -0.81 -12.20 15.86
C ILE A 236 -1.58 -12.09 14.56
N PHE A 237 -2.41 -13.08 14.25
CA PHE A 237 -3.18 -13.08 13.01
C PHE A 237 -4.21 -11.97 12.94
N HIS A 238 -4.63 -11.47 14.10
CA HIS A 238 -5.54 -10.32 14.15
C HIS A 238 -4.79 -9.05 14.54
N LEU A 239 -3.48 -9.20 14.79
CA LEU A 239 -2.71 -8.11 15.40
C LEU A 239 -3.50 -7.42 16.51
N ASN A 240 -4.12 -8.22 17.37
CA ASN A 240 -4.82 -7.68 18.52
C ASN A 240 -4.99 -8.74 19.60
N VAL A 241 -4.67 -8.39 20.84
CA VAL A 241 -4.94 -9.29 21.94
C VAL A 241 -6.35 -9.02 22.43
N ASP A 242 -7.24 -9.98 22.24
CA ASP A 242 -8.61 -9.82 22.73
C ASP A 242 -8.71 -10.43 24.12
N PHE A 243 -8.73 -9.58 25.14
CA PHE A 243 -8.76 -10.05 26.50
C PHE A 243 -10.14 -10.52 26.93
N THR A 244 -11.14 -10.39 26.05
CA THR A 244 -12.49 -10.84 26.36
C THR A 244 -12.72 -12.24 25.81
N SER A 245 -11.78 -12.70 25.00
CA SER A 245 -11.84 -14.02 24.42
C SER A 245 -11.43 -15.03 25.47
N LYS A 246 -12.06 -16.20 25.43
CA LYS A 246 -11.78 -17.25 26.38
C LYS A 246 -11.02 -18.37 25.71
N LYS A 247 -11.07 -18.40 24.38
CA LYS A 247 -10.42 -19.48 23.67
C LYS A 247 -8.92 -19.43 23.93
N ASN A 248 -8.31 -20.59 24.11
CA ASN A 248 -6.88 -20.68 24.35
C ASN A 248 -6.41 -20.06 25.66
N VAL A 249 -7.34 -19.66 26.51
CA VAL A 249 -6.99 -19.16 27.83
C VAL A 249 -7.28 -20.28 28.83
N LEU A 250 -6.23 -20.78 29.48
CA LEU A 250 -6.37 -21.92 30.36
C LEU A 250 -6.75 -21.51 31.78
N TYR A 251 -6.31 -20.32 32.17
CA TYR A 251 -6.52 -19.83 33.53
C TYR A 251 -6.32 -18.33 33.56
N GLN A 252 -7.22 -17.63 34.22
CA GLN A 252 -6.92 -16.23 34.49
C GLN A 252 -7.48 -15.78 35.82
N LYS A 253 -6.67 -15.04 36.55
CA LYS A 253 -7.04 -14.46 37.83
C LYS A 253 -6.79 -12.97 37.70
N LYS A 254 -7.85 -12.16 37.75
CA LYS A 254 -7.73 -10.73 37.50
C LYS A 254 -8.56 -9.85 38.44
N ALA B 4 12.23 -28.61 5.29
CA ALA B 4 11.19 -27.65 4.93
C ALA B 4 10.73 -26.81 6.13
N SEP B 5 10.05 -25.71 5.86
CA SEP B 5 9.63 -24.78 6.90
CB SEP B 5 9.04 -23.53 6.29
OG SEP B 5 10.00 -22.52 6.35
C SEP B 5 8.65 -25.33 7.91
O SEP B 5 7.57 -25.79 7.55
P SEP B 5 9.67 -21.47 5.19
O1P SEP B 5 11.10 -20.94 4.71
O2P SEP B 5 8.79 -22.22 4.06
O3P SEP B 5 8.79 -20.31 5.88
N GLN B 6 9.03 -25.23 9.18
CA GLN B 6 8.21 -25.69 10.29
C GLN B 6 6.96 -24.84 10.41
N GLU B 7 5.79 -25.45 10.24
CA GLU B 7 4.53 -24.76 10.49
C GLU B 7 4.14 -24.90 11.96
N LEU B 8 3.90 -23.77 12.63
CA LEU B 8 3.64 -23.78 14.06
C LEU B 8 2.14 -23.72 14.36
N LYS C 7 -27.59 10.16 16.55
CA LYS C 7 -28.58 10.85 15.72
C LYS C 7 -28.69 10.23 14.33
N ALA C 8 -27.58 10.17 13.61
CA ALA C 8 -27.53 9.43 12.36
C ALA C 8 -27.88 7.98 12.64
N GLU C 9 -27.30 7.45 13.72
CA GLU C 9 -27.60 6.12 14.20
C GLU C 9 -29.10 5.86 14.28
N LYS C 10 -29.84 6.84 14.79
CA LYS C 10 -31.30 6.71 14.82
C LYS C 10 -31.82 6.56 13.40
N ILE C 11 -31.39 7.44 12.50
CA ILE C 11 -31.76 7.34 11.10
C ILE C 11 -31.48 5.92 10.57
N LEU C 12 -30.34 5.37 10.97
CA LEU C 12 -29.87 4.08 10.44
C LEU C 12 -30.36 2.88 11.26
N ALA C 13 -30.95 3.16 12.42
CA ALA C 13 -31.51 2.10 13.25
C ALA C 13 -32.57 1.37 12.45
N ARG C 14 -33.30 2.13 11.64
CA ARG C 14 -34.43 1.60 10.89
C ARG C 14 -34.06 0.57 9.82
N PHE C 15 -32.76 0.35 9.61
CA PHE C 15 -32.33 -0.63 8.60
C PHE C 15 -31.85 -1.94 9.20
N ASN C 16 -32.23 -3.05 8.57
CA ASN C 16 -31.83 -4.38 9.03
C ASN C 16 -30.32 -4.59 8.91
N GLU C 17 -29.75 -4.07 7.83
CA GLU C 17 -28.36 -4.30 7.49
C GLU C 17 -27.91 -3.15 6.58
N LEU C 18 -26.67 -2.71 6.77
CA LEU C 18 -26.11 -1.62 5.96
C LEU C 18 -25.02 -2.16 5.03
N PRO C 19 -25.04 -1.72 3.75
CA PRO C 19 -23.94 -2.14 2.88
C PRO C 19 -22.66 -1.45 3.27
N ASN C 20 -21.54 -2.03 2.87
CA ASN C 20 -20.25 -1.38 3.01
C ASN C 20 -19.73 -1.06 1.63
N TYR C 21 -19.96 0.16 1.17
CA TYR C 21 -19.52 0.54 -0.17
C TYR C 21 -18.00 0.61 -0.30
N ASP C 22 -17.31 0.78 0.82
CA ASP C 22 -15.86 0.81 0.82
C ASP C 22 -15.25 1.84 -0.16
N LEU C 23 -15.70 3.08 -0.05
CA LEU C 23 -15.23 4.15 -0.92
C LEU C 23 -14.36 5.12 -0.14
N LYS C 24 -13.19 5.41 -0.67
CA LYS C 24 -12.37 6.51 -0.17
C LYS C 24 -12.27 7.50 -1.33
N ALA C 25 -13.10 8.54 -1.30
CA ALA C 25 -13.27 9.41 -2.47
C ALA C 25 -12.80 10.85 -2.25
N VAL C 26 -12.64 11.57 -3.36
CA VAL C 26 -12.66 13.01 -3.34
C VAL C 26 -13.75 13.37 -4.33
N CYS C 27 -14.37 14.54 -4.16
CA CYS C 27 -15.28 15.06 -5.17
C CYS C 27 -14.58 16.20 -5.89
N THR C 28 -14.90 16.33 -7.17
CA THR C 28 -14.39 17.46 -7.97
C THR C 28 -15.57 17.85 -8.84
N GLY C 29 -15.81 19.16 -8.97
CA GLY C 29 -16.99 19.61 -9.68
C GLY C 29 -18.26 19.29 -8.89
N CYS C 30 -18.11 19.04 -7.59
CA CYS C 30 -19.27 18.74 -6.72
C CYS C 30 -18.97 18.79 -5.22
N PHE C 31 -20.02 18.93 -4.42
CA PHE C 31 -19.93 18.88 -2.96
C PHE C 31 -18.75 19.66 -2.39
N HIS C 32 -18.63 20.92 -2.80
CA HIS C 32 -17.38 21.66 -2.57
C HIS C 32 -17.05 22.03 -1.10
N ASP C 33 -18.01 21.94 -0.18
CA ASP C 33 -17.63 21.75 1.23
C ASP C 33 -17.80 20.33 1.67
N GLY C 34 -18.80 20.10 2.50
CA GLY C 34 -19.21 18.74 2.81
C GLY C 34 -20.70 18.63 2.54
N PHE C 35 -21.38 17.85 3.39
CA PHE C 35 -22.82 17.77 3.39
C PHE C 35 -23.11 18.02 4.85
N ASN C 36 -24.38 18.06 5.25
CA ASN C 36 -24.66 18.32 6.66
C ASN C 36 -24.06 17.19 7.50
N GLU C 37 -23.90 17.42 8.79
CA GLU C 37 -23.17 16.50 9.66
C GLU C 37 -23.83 15.12 9.74
N VAL C 38 -25.16 15.10 9.70
CA VAL C 38 -25.89 13.84 9.68
C VAL C 38 -25.50 13.05 8.43
N ASP C 39 -25.74 13.66 7.27
CA ASP C 39 -25.39 13.07 5.99
C ASP C 39 -23.95 12.55 5.97
N ILE C 40 -23.04 13.23 6.66
CA ILE C 40 -21.66 12.76 6.60
C ILE C 40 -21.47 11.55 7.47
N GLU C 41 -22.04 11.57 8.66
CA GLU C 41 -21.93 10.45 9.59
C GLU C 41 -22.59 9.17 9.03
N ILE C 42 -23.69 9.34 8.31
CA ILE C 42 -24.34 8.25 7.60
C ILE C 42 -23.36 7.59 6.61
N LEU C 43 -22.78 8.40 5.71
CA LEU C 43 -21.84 7.89 4.72
C LEU C 43 -20.75 7.03 5.33
N ASN C 44 -20.13 7.51 6.41
CA ASN C 44 -19.07 6.74 7.04
C ASN C 44 -19.61 5.41 7.58
N GLN C 45 -20.84 5.43 8.09
CA GLN C 45 -21.44 4.19 8.55
C GLN C 45 -21.65 3.22 7.39
N LEU C 46 -21.72 3.74 6.17
CA LEU C 46 -21.89 2.92 4.99
C LEU C 46 -20.57 2.67 4.27
N GLY C 47 -19.47 2.94 4.95
CA GLY C 47 -18.15 2.73 4.37
C GLY C 47 -17.83 3.65 3.21
N ILE C 48 -18.35 4.87 3.26
CA ILE C 48 -17.99 5.91 2.31
C ILE C 48 -17.36 7.08 3.09
N LYS C 49 -16.11 7.38 2.75
CA LYS C 49 -15.35 8.48 3.36
C LYS C 49 -14.92 9.43 2.25
N ILE C 50 -15.15 10.71 2.46
CA ILE C 50 -14.82 11.74 1.47
C ILE C 50 -13.78 12.72 2.01
N PHE C 51 -12.60 12.72 1.40
CA PHE C 51 -11.50 13.57 1.83
C PHE C 51 -11.54 14.90 1.10
N ASP C 52 -10.98 15.92 1.74
CA ASP C 52 -10.98 17.27 1.19
C ASP C 52 -9.98 17.36 0.03
N ASN C 53 -8.79 16.82 0.27
CA ASN C 53 -7.72 16.87 -0.70
C ASN C 53 -7.14 15.48 -0.88
N ILE C 54 -6.35 15.29 -1.93
CA ILE C 54 -5.75 13.98 -2.21
C ILE C 54 -4.43 13.80 -1.49
N LYS C 55 -4.36 12.82 -0.60
CA LYS C 55 -3.12 12.49 0.09
C LYS C 55 -2.70 11.05 -0.22
N GLU C 56 -1.49 10.88 -0.73
CA GLU C 56 -1.05 9.58 -1.24
C GLU C 56 -1.23 8.44 -0.26
N THR C 57 -1.23 8.73 1.03
CA THR C 57 -1.27 7.64 2.00
C THR C 57 -2.66 7.36 2.56
N ASP C 58 -3.69 7.98 1.97
CA ASP C 58 -5.06 7.63 2.33
C ASP C 58 -5.62 6.60 1.34
N LYS C 59 -4.86 6.37 0.28
CA LYS C 59 -5.18 5.32 -0.69
C LYS C 59 -6.58 5.48 -1.25
N LEU C 60 -6.90 6.68 -1.74
CA LEU C 60 -8.20 6.92 -2.33
C LEU C 60 -8.44 5.91 -3.45
N ASN C 61 -9.69 5.56 -3.67
CA ASN C 61 -10.02 4.60 -4.73
C ASN C 61 -11.19 5.07 -5.58
N CYS C 62 -11.68 6.27 -5.31
CA CYS C 62 -12.91 6.72 -5.93
C CYS C 62 -12.90 8.20 -6.22
N ILE C 63 -13.61 8.60 -7.26
CA ILE C 63 -13.79 10.02 -7.54
C ILE C 63 -15.24 10.26 -7.91
N PHE C 64 -15.84 11.28 -7.30
CA PHE C 64 -17.17 11.72 -7.68
C PHE C 64 -17.05 12.97 -8.54
N ALA C 65 -17.67 12.93 -9.71
CA ALA C 65 -17.64 14.05 -10.64
C ALA C 65 -18.80 13.89 -11.60
N PRO C 66 -19.41 15.02 -12.00
CA PRO C 66 -20.50 15.04 -12.98
C PRO C 66 -20.06 14.56 -14.34
N LYS C 67 -18.79 14.75 -14.68
CA LYS C 67 -18.25 14.34 -15.99
C LYS C 67 -16.73 14.37 -15.98
N ILE C 68 -16.11 13.84 -17.02
CA ILE C 68 -14.67 13.99 -17.17
C ILE C 68 -14.28 15.46 -17.09
N LEU C 69 -13.43 15.79 -16.12
CA LEU C 69 -13.03 17.17 -15.89
C LEU C 69 -11.52 17.35 -15.86
N ARG C 70 -11.07 18.55 -16.18
CA ARG C 70 -9.66 18.86 -16.21
C ARG C 70 -9.19 19.46 -14.89
N THR C 71 -9.90 19.19 -13.80
CA THR C 71 -9.46 19.69 -12.52
C THR C 71 -8.23 18.93 -12.08
N GLU C 72 -7.43 19.51 -11.20
CA GLU C 72 -6.34 18.80 -10.58
C GLU C 72 -6.81 17.47 -9.96
N LYS C 73 -7.96 17.51 -9.30
CA LYS C 73 -8.47 16.32 -8.62
C LYS C 73 -8.82 15.20 -9.58
N PHE C 74 -9.55 15.54 -10.64
CA PHE C 74 -9.86 14.54 -11.64
C PHE C 74 -8.59 13.94 -12.26
N LEU C 75 -7.64 14.77 -12.66
CA LEU C 75 -6.45 14.26 -13.32
C LEU C 75 -5.66 13.38 -12.38
N LYS C 76 -5.62 13.79 -11.11
CA LYS C 76 -4.89 13.00 -10.12
C LYS C 76 -5.60 11.70 -9.79
N SER C 77 -6.93 11.71 -9.86
CA SER C 77 -7.66 10.49 -9.54
C SER C 77 -7.20 9.39 -10.49
N LEU C 78 -6.69 9.77 -11.66
CA LEU C 78 -6.22 8.78 -12.62
C LEU C 78 -4.87 8.17 -12.26
N SER C 79 -4.29 8.62 -11.14
CA SER C 79 -3.14 7.93 -10.58
C SER C 79 -3.44 7.31 -9.22
N PHE C 80 -4.70 7.01 -8.93
CA PHE C 80 -5.01 6.27 -7.73
C PHE C 80 -4.48 4.83 -7.90
N GLU C 81 -4.29 4.13 -6.78
CA GLU C 81 -3.60 2.84 -6.80
C GLU C 81 -4.39 1.70 -6.13
N PRO C 82 -5.45 1.23 -6.78
CA PRO C 82 -5.91 1.72 -8.06
C PRO C 82 -7.11 2.63 -7.91
N LEU C 83 -7.54 3.23 -9.03
CA LEU C 83 -8.84 3.87 -9.07
C LEU C 83 -9.83 2.76 -9.30
N LYS C 84 -10.87 2.69 -8.47
CA LYS C 84 -11.82 1.60 -8.59
C LYS C 84 -13.16 2.08 -9.10
N PHE C 85 -13.51 3.31 -8.74
CA PHE C 85 -14.80 3.83 -9.12
C PHE C 85 -14.68 5.29 -9.52
N ALA C 86 -15.39 5.65 -10.57
CA ALA C 86 -15.45 7.03 -11.02
C ALA C 86 -16.93 7.26 -11.16
N LEU C 87 -17.52 7.96 -10.21
CA LEU C 87 -18.97 7.94 -10.07
C LEU C 87 -19.59 9.32 -10.15
N LYS C 88 -20.75 9.39 -10.78
CA LYS C 88 -21.51 10.63 -10.78
C LYS C 88 -22.01 10.94 -9.36
N PRO C 89 -22.16 12.23 -9.06
CA PRO C 89 -22.62 12.62 -7.72
C PRO C 89 -24.02 12.07 -7.42
N GLU C 90 -24.79 11.77 -8.46
CA GLU C 90 -26.12 11.19 -8.31
C GLU C 90 -26.11 9.95 -7.40
N PHE C 91 -24.98 9.25 -7.34
CA PHE C 91 -24.85 8.11 -6.44
C PHE C 91 -25.11 8.52 -5.01
N ILE C 92 -24.32 9.46 -4.51
CA ILE C 92 -24.47 9.97 -3.15
C ILE C 92 -25.85 10.59 -2.96
N ILE C 93 -26.35 11.22 -4.01
CA ILE C 93 -27.65 11.88 -3.91
C ILE C 93 -28.74 10.82 -3.73
N ASP C 94 -28.80 9.88 -4.67
CA ASP C 94 -29.79 8.80 -4.58
C ASP C 94 -29.67 8.03 -3.28
N LEU C 95 -28.44 7.84 -2.84
CA LEU C 95 -28.14 7.11 -1.62
C LEU C 95 -28.79 7.80 -0.43
N LEU C 96 -28.45 9.07 -0.23
CA LEU C 96 -29.01 9.82 0.88
C LEU C 96 -30.54 9.97 0.79
N LYS C 97 -31.06 10.13 -0.42
CA LYS C 97 -32.51 10.19 -0.62
C LYS C 97 -33.17 8.95 -0.01
N GLN C 98 -32.69 7.79 -0.41
CA GLN C 98 -33.20 6.51 0.08
C GLN C 98 -33.04 6.39 1.59
N ILE C 99 -31.89 6.80 2.10
CA ILE C 99 -31.61 6.69 3.53
C ILE C 99 -32.55 7.55 4.36
N HIS C 100 -32.99 8.68 3.78
CA HIS C 100 -33.87 9.62 4.50
C HIS C 100 -35.37 9.38 4.25
N GLN C 108 -35.24 -1.17 2.15
CA GLN C 108 -33.82 -1.44 2.36
C GLN C 108 -32.92 -0.74 1.34
N ILE C 109 -31.65 -0.57 1.68
CA ILE C 109 -30.70 0.18 0.85
C ILE C 109 -30.24 -0.65 -0.34
N ASN C 110 -30.53 -0.17 -1.54
CA ASN C 110 -30.22 -0.92 -2.74
C ASN C 110 -29.52 -0.10 -3.81
N ILE C 111 -29.08 1.09 -3.47
CA ILE C 111 -28.35 1.90 -4.45
C ILE C 111 -27.07 1.18 -4.82
N ASN C 112 -26.83 1.00 -6.12
CA ASN C 112 -25.68 0.25 -6.59
C ASN C 112 -24.59 1.07 -7.28
N LEU C 113 -23.40 0.46 -7.37
CA LEU C 113 -22.21 1.14 -7.88
C LEU C 113 -22.05 1.06 -9.40
N PHE C 114 -23.11 0.66 -10.10
CA PHE C 114 -22.98 0.40 -11.54
C PHE C 114 -23.84 1.34 -12.37
N ASP C 115 -24.86 1.92 -11.75
CA ASP C 115 -25.77 2.77 -12.49
C ASP C 115 -25.33 4.22 -12.57
N TYR C 116 -24.06 4.49 -12.25
CA TYR C 116 -23.63 5.88 -12.12
C TYR C 116 -22.24 6.17 -12.66
N GLU C 117 -21.83 5.49 -13.73
CA GLU C 117 -20.51 5.73 -14.27
C GLU C 117 -20.41 7.08 -14.96
N ILE C 118 -19.29 7.76 -14.71
CA ILE C 118 -18.94 8.96 -15.44
C ILE C 118 -18.76 8.57 -16.90
N ASN C 119 -19.56 9.17 -17.78
CA ASN C 119 -19.56 8.80 -19.19
C ASN C 119 -18.23 9.17 -19.87
N GLY C 120 -17.54 8.15 -20.39
CA GLY C 120 -16.27 8.33 -21.05
C GLY C 120 -15.12 7.69 -20.31
N ILE C 121 -15.36 7.30 -19.06
CA ILE C 121 -14.33 6.67 -18.25
C ILE C 121 -14.65 5.21 -18.08
N ASN C 122 -14.31 4.40 -19.08
CA ASN C 122 -14.66 2.99 -19.09
C ASN C 122 -13.70 2.12 -18.28
N GLU C 123 -13.94 0.82 -18.31
CA GLU C 123 -13.16 -0.13 -17.52
C GLU C 123 -11.73 -0.20 -18.06
N SER C 124 -11.58 -0.15 -19.37
CA SER C 124 -10.25 -0.23 -19.96
C SER C 124 -9.31 0.83 -19.40
N ILE C 125 -9.84 2.03 -19.16
CA ILE C 125 -9.00 3.09 -18.63
C ILE C 125 -8.84 2.96 -17.11
N ILE C 126 -9.94 2.65 -16.42
CA ILE C 126 -9.87 2.44 -14.99
C ILE C 126 -8.83 1.37 -14.69
N SER C 127 -8.81 0.33 -15.50
CA SER C 127 -7.95 -0.81 -15.20
C SER C 127 -6.46 -0.49 -15.32
N LYS C 128 -6.12 0.47 -16.17
CA LYS C 128 -4.73 0.92 -16.31
C LYS C 128 -4.15 1.51 -15.02
N THR C 129 -5.01 1.95 -14.11
CA THR C 129 -4.51 2.44 -12.82
C THR C 129 -3.94 1.33 -11.91
N LYS C 130 -4.15 0.08 -12.30
CA LYS C 130 -3.57 -1.06 -11.58
C LYS C 130 -2.17 -1.35 -12.08
N LEU C 131 -1.84 -0.86 -13.27
CA LEU C 131 -0.50 -1.07 -13.80
C LEU C 131 0.52 -0.65 -12.76
N PRO C 132 1.65 -1.36 -12.72
CA PRO C 132 2.72 -1.13 -11.75
C PRO C 132 3.57 0.09 -12.11
N THR C 133 3.19 0.81 -13.17
CA THR C 133 3.90 2.01 -13.58
C THR C 133 2.92 3.17 -13.71
N LYS C 134 3.45 4.39 -13.72
CA LYS C 134 2.66 5.56 -14.06
C LYS C 134 2.84 5.90 -15.55
N VAL C 135 1.91 6.68 -16.08
CA VAL C 135 1.77 6.84 -17.52
C VAL C 135 3.06 7.45 -18.11
N PHE C 136 3.62 8.46 -17.46
CA PHE C 136 4.83 9.10 -17.98
C PHE C 136 6.08 8.29 -17.70
N GLU C 137 6.01 7.54 -16.60
CA GLU C 137 7.07 6.62 -16.28
C GLU C 137 7.16 5.55 -17.37
N ARG C 138 6.01 5.01 -17.76
CA ARG C 138 5.92 4.10 -18.91
C ARG C 138 6.48 4.70 -20.19
N ALA C 139 6.37 6.01 -20.34
CA ALA C 139 6.74 6.67 -21.59
C ALA C 139 8.20 7.11 -21.58
N ASN C 140 8.91 6.80 -20.51
CA ASN C 140 10.28 7.26 -20.34
C ASN C 140 10.40 8.76 -20.37
N ILE C 141 9.40 9.43 -19.81
CA ILE C 141 9.46 10.85 -19.55
C ILE C 141 9.66 10.99 -18.04
N ARG C 142 10.88 11.28 -17.61
CA ARG C 142 11.20 11.30 -16.18
C ARG C 142 11.47 12.71 -15.65
N CYS C 143 12.32 13.46 -16.35
CA CYS C 143 12.63 14.83 -15.96
C CYS C 143 12.25 15.78 -17.08
N ILE C 144 11.47 16.79 -16.74
CA ILE C 144 11.02 17.73 -17.76
C ILE C 144 11.31 19.15 -17.35
N ASN C 145 11.17 20.05 -18.32
CA ASN C 145 11.29 21.47 -18.10
C ASN C 145 9.94 22.05 -18.41
N LEU C 146 9.50 22.97 -17.55
CA LEU C 146 8.18 23.56 -17.66
C LEU C 146 8.38 25.06 -17.62
N VAL C 147 7.77 25.77 -18.56
CA VAL C 147 7.85 27.22 -18.56
C VAL C 147 7.04 27.78 -17.41
N ASN C 148 7.58 28.82 -16.80
CA ASN C 148 7.01 29.43 -15.61
C ASN C 148 5.64 30.03 -15.84
N ASP C 149 5.33 30.36 -17.09
CA ASP C 149 4.07 31.01 -17.41
C ASP C 149 2.98 30.03 -17.87
N ILE C 150 3.09 28.78 -17.44
CA ILE C 150 2.10 27.79 -17.80
C ILE C 150 0.79 28.07 -17.05
N PRO C 151 -0.32 28.14 -17.78
CA PRO C 151 -1.67 28.29 -17.23
C PRO C 151 -2.02 27.22 -16.19
N GLY C 152 -2.41 27.65 -15.00
CA GLY C 152 -2.64 26.76 -13.87
C GLY C 152 -1.54 26.98 -12.86
N GLY C 153 -0.38 27.43 -13.35
CA GLY C 153 0.77 27.67 -12.50
C GLY C 153 1.56 26.41 -12.23
N VAL C 154 2.87 26.56 -12.11
CA VAL C 154 3.77 25.43 -12.01
C VAL C 154 3.53 24.52 -10.81
N ASP C 155 3.03 25.07 -9.73
CA ASP C 155 2.89 24.25 -8.52
C ASP C 155 1.83 23.17 -8.69
N THR C 156 0.74 23.54 -9.36
CA THR C 156 -0.38 22.63 -9.58
C THR C 156 -0.04 21.65 -10.68
N ILE C 157 0.25 22.20 -11.86
CA ILE C 157 0.62 21.41 -13.01
C ILE C 157 1.78 20.50 -12.63
N GLY C 158 2.69 21.02 -11.82
CA GLY C 158 3.80 20.21 -11.34
C GLY C 158 3.32 19.04 -10.50
N SER C 159 2.34 19.30 -9.65
CA SER C 159 1.85 18.29 -8.71
C SER C 159 1.15 17.18 -9.47
N VAL C 160 0.33 17.56 -10.45
CA VAL C 160 -0.33 16.60 -11.34
C VAL C 160 0.66 15.70 -12.09
N LEU C 161 1.68 16.33 -12.68
CA LEU C 161 2.66 15.58 -13.46
C LEU C 161 3.47 14.63 -12.60
N LYS C 162 3.78 15.05 -11.38
CA LYS C 162 4.56 14.19 -10.51
C LYS C 162 3.67 13.05 -10.04
N ALA C 163 2.38 13.31 -9.89
CA ALA C 163 1.46 12.24 -9.49
C ALA C 163 1.47 11.16 -10.56
N HIS C 164 1.88 11.53 -11.77
CA HIS C 164 1.80 10.60 -12.89
C HIS C 164 3.16 10.13 -13.37
N GLY C 165 4.14 10.15 -12.47
CA GLY C 165 5.39 9.47 -12.71
C GLY C 165 6.57 10.35 -13.10
N ILE C 166 6.35 11.65 -13.21
CA ILE C 166 7.46 12.57 -13.44
C ILE C 166 8.20 12.89 -12.12
N GLU C 167 9.50 12.64 -12.10
CA GLU C 167 10.27 12.81 -10.86
C GLU C 167 10.84 14.22 -10.66
N LYS C 168 11.29 14.84 -11.74
CA LYS C 168 11.84 16.19 -11.62
C LYS C 168 11.14 17.16 -12.55
N ILE C 169 10.67 18.27 -11.97
CA ILE C 169 10.02 19.34 -12.70
C ILE C 169 10.91 20.57 -12.60
N ASN C 170 11.60 20.90 -13.68
CA ASN C 170 12.49 22.04 -13.70
C ASN C 170 11.79 23.23 -14.31
N VAL C 171 11.53 24.26 -13.53
CA VAL C 171 10.82 25.43 -14.06
C VAL C 171 11.75 26.43 -14.73
N LEU C 172 11.39 26.85 -15.93
CA LEU C 172 12.22 27.75 -16.70
C LEU C 172 11.55 29.10 -16.83
N ARG C 173 12.20 30.14 -16.33
CA ARG C 173 11.76 31.48 -16.66
C ARG C 173 12.11 31.66 -18.12
N SER C 174 11.10 31.57 -18.98
CA SER C 174 11.32 31.51 -20.42
C SER C 174 12.21 32.64 -20.93
N LYS C 175 11.81 33.87 -20.63
CA LYS C 175 12.51 35.06 -21.08
C LYS C 175 14.00 35.06 -20.70
N LYS C 176 14.31 34.57 -19.50
CA LYS C 176 15.65 34.66 -18.95
C LYS C 176 16.57 33.44 -19.21
N CYS C 177 16.00 32.25 -19.17
CA CYS C 177 16.78 31.02 -19.07
C CYS C 177 17.83 30.82 -20.17
N THR C 178 18.97 30.26 -19.76
CA THR C 178 20.04 29.89 -20.68
C THR C 178 20.03 28.37 -20.83
N PHE C 179 20.81 27.86 -21.77
CA PHE C 179 20.92 26.42 -21.97
C PHE C 179 21.27 25.69 -20.67
N GLU C 180 22.17 26.27 -19.88
CA GLU C 180 22.62 25.59 -18.66
C GLU C 180 21.47 25.34 -17.67
N ASP C 181 20.39 26.12 -17.77
CA ASP C 181 19.22 25.93 -16.92
C ASP C 181 18.38 24.71 -17.32
N ILE C 182 18.55 24.25 -18.55
CA ILE C 182 17.74 23.13 -19.03
C ILE C 182 18.27 21.81 -18.54
N ILE C 183 17.42 21.03 -17.87
CA ILE C 183 17.80 19.71 -17.43
C ILE C 183 17.42 18.63 -18.44
N PRO C 184 18.25 17.59 -18.57
CA PRO C 184 17.98 16.51 -19.50
C PRO C 184 16.98 15.53 -18.88
N ASN C 185 16.27 14.79 -19.71
CA ASN C 185 15.38 13.76 -19.24
C ASN C 185 16.16 12.47 -18.96
N ASP C 186 16.72 12.35 -17.76
CA ASP C 186 17.54 11.19 -17.43
C ASP C 186 16.67 10.06 -16.91
N VAL C 187 16.80 8.89 -17.54
CA VAL C 187 16.04 7.71 -17.12
C VAL C 187 16.99 6.56 -16.82
N ILE C 195 14.36 7.39 -26.49
CA ILE C 195 14.29 8.29 -25.33
C ILE C 195 14.67 9.74 -25.67
N PHE C 196 13.82 10.68 -25.27
CA PHE C 196 14.11 12.07 -25.56
C PHE C 196 15.06 12.61 -24.52
N LYS C 197 16.18 13.19 -24.97
CA LYS C 197 17.13 13.78 -24.06
C LYS C 197 16.55 15.05 -23.40
N TYR C 198 15.75 15.80 -24.15
CA TYR C 198 15.18 17.02 -23.60
C TYR C 198 13.68 17.08 -23.82
N VAL C 199 12.95 17.31 -22.74
CA VAL C 199 11.51 17.38 -22.79
C VAL C 199 11.10 18.69 -22.17
N LEU C 200 10.31 19.45 -22.91
CA LEU C 200 9.89 20.77 -22.44
C LEU C 200 8.40 20.94 -22.68
N ILE C 201 7.74 21.59 -21.73
CA ILE C 201 6.32 21.86 -21.85
C ILE C 201 6.27 23.35 -21.98
N VAL C 202 5.62 23.83 -23.03
CA VAL C 202 5.68 25.25 -23.32
C VAL C 202 4.31 25.80 -23.61
N THR C 203 4.23 27.13 -23.65
CA THR C 203 3.02 27.88 -23.94
C THR C 203 3.06 28.54 -25.33
N LYS C 204 4.19 29.18 -25.66
CA LYS C 204 4.26 30.03 -26.85
C LYS C 204 5.20 29.53 -27.93
N ALA C 205 4.89 29.85 -29.18
CA ALA C 205 5.78 29.57 -30.29
C ALA C 205 7.08 30.34 -30.07
N SER C 206 6.98 31.45 -29.36
CA SER C 206 8.14 32.27 -29.04
C SER C 206 9.12 31.48 -28.19
N GLN C 207 8.60 30.44 -27.54
CA GLN C 207 9.43 29.64 -26.64
C GLN C 207 10.04 28.45 -27.37
N VAL C 208 9.30 27.91 -28.32
CA VAL C 208 9.81 26.83 -29.14
C VAL C 208 11.09 27.29 -29.86
N LYS C 209 11.04 28.46 -30.47
CA LYS C 209 12.19 28.97 -31.21
C LYS C 209 13.40 29.14 -30.31
N LYS C 210 13.22 29.86 -29.22
CA LYS C 210 14.30 30.03 -28.24
C LYS C 210 14.94 28.70 -27.84
N PHE C 211 14.12 27.73 -27.46
CA PHE C 211 14.65 26.50 -26.87
C PHE C 211 15.32 25.59 -27.89
N THR C 212 14.73 25.47 -29.07
CA THR C 212 15.34 24.64 -30.10
C THR C 212 16.71 25.24 -30.47
N LYS C 213 16.78 26.56 -30.53
CA LYS C 213 18.06 27.20 -30.90
C LYS C 213 19.14 26.95 -29.84
N LEU C 214 18.79 27.17 -28.59
CA LEU C 214 19.70 26.95 -27.47
C LEU C 214 20.24 25.54 -27.49
N ILE C 215 19.33 24.56 -27.53
CA ILE C 215 19.74 23.18 -27.47
C ILE C 215 20.50 22.78 -28.73
N ASN C 216 20.03 23.28 -29.87
CA ASN C 216 20.68 22.90 -31.10
C ASN C 216 22.09 23.51 -31.24
N ASP C 217 22.29 24.69 -30.66
CA ASP C 217 23.63 25.27 -30.55
C ASP C 217 24.56 24.46 -29.66
N ARG C 218 24.04 23.95 -28.54
CA ARG C 218 24.90 23.38 -27.50
C ARG C 218 24.95 21.86 -27.44
N ASP C 219 23.95 21.21 -28.02
CA ASP C 219 23.85 19.76 -27.97
C ASP C 219 23.16 19.28 -29.24
N LYS C 220 23.78 19.58 -30.38
CA LYS C 220 23.22 19.41 -31.72
C LYS C 220 22.67 18.02 -32.08
N ASN C 221 23.33 16.96 -31.62
CA ASN C 221 22.95 15.65 -32.07
C ASN C 221 21.90 14.99 -31.19
N GLU C 222 21.44 15.70 -30.17
CA GLU C 222 20.57 15.06 -29.17
C GLU C 222 19.09 15.25 -29.46
N THR C 223 18.24 14.48 -28.80
CA THR C 223 16.83 14.52 -29.15
C THR C 223 16.04 15.47 -28.26
N ILE C 224 14.96 16.00 -28.83
CA ILE C 224 14.17 17.02 -28.14
C ILE C 224 12.70 16.76 -28.40
N LEU C 225 11.89 16.96 -27.36
CA LEU C 225 10.45 16.91 -27.51
C LEU C 225 9.88 18.14 -26.84
N ILE C 226 9.10 18.91 -27.58
CA ILE C 226 8.46 20.09 -27.02
C ILE C 226 6.97 19.97 -27.25
N VAL C 227 6.19 20.01 -26.18
CA VAL C 227 4.75 19.82 -26.27
C VAL C 227 3.99 20.90 -25.53
N GLU C 228 2.69 20.96 -25.78
CA GLU C 228 1.79 21.81 -25.00
C GLU C 228 1.26 21.03 -23.79
N TRP C 229 0.74 21.75 -22.81
CA TRP C 229 0.14 21.12 -21.63
C TRP C 229 -0.91 20.12 -22.06
N ASN C 230 -1.72 20.48 -23.04
CA ASN C 230 -2.78 19.60 -23.51
C ASN C 230 -2.30 18.23 -23.92
N TRP C 231 -1.02 18.11 -24.26
CA TRP C 231 -0.43 16.83 -24.66
C TRP C 231 -0.37 15.92 -23.45
N CYS C 232 -0.08 16.53 -22.30
CA CYS C 232 -0.01 15.79 -21.03
C CYS C 232 -1.40 15.40 -20.55
N VAL C 233 -2.36 16.29 -20.79
CA VAL C 233 -3.73 16.05 -20.36
C VAL C 233 -4.35 14.92 -21.14
N GLU C 234 -4.14 14.89 -22.45
CA GLU C 234 -4.63 13.80 -23.26
C GLU C 234 -3.98 12.47 -22.89
N SER C 235 -2.67 12.49 -22.62
CA SER C 235 -1.99 11.27 -22.20
C SER C 235 -2.61 10.74 -20.89
N ILE C 236 -2.93 11.64 -19.96
CA ILE C 236 -3.47 11.23 -18.69
C ILE C 236 -4.87 10.64 -18.86
N PHE C 237 -5.71 11.31 -19.63
CA PHE C 237 -7.07 10.81 -19.90
C PHE C 237 -7.06 9.45 -20.57
N HIS C 238 -6.03 9.17 -21.35
CA HIS C 238 -5.88 7.88 -22.02
C HIS C 238 -4.99 6.94 -21.23
N LEU C 239 -4.41 7.42 -20.13
CA LEU C 239 -3.35 6.70 -19.44
C LEU C 239 -2.35 6.07 -20.42
N ASN C 240 -2.05 6.78 -21.49
CA ASN C 240 -1.05 6.31 -22.45
C ASN C 240 -0.43 7.51 -23.17
N VAL C 241 0.90 7.51 -23.26
CA VAL C 241 1.56 8.49 -24.13
C VAL C 241 1.63 7.92 -25.53
N ASP C 242 0.92 8.54 -26.47
CA ASP C 242 0.97 8.07 -27.85
C ASP C 242 2.00 8.91 -28.62
N PHE C 243 3.14 8.31 -28.92
CA PHE C 243 4.24 9.03 -29.54
C PHE C 243 4.06 9.18 -31.05
N THR C 244 3.03 8.55 -31.60
CA THR C 244 2.78 8.65 -33.03
C THR C 244 1.79 9.79 -33.29
N SER C 245 1.27 10.37 -32.22
CA SER C 245 0.31 11.46 -32.30
C SER C 245 1.04 12.79 -32.48
N LYS C 246 0.58 13.62 -33.41
CA LYS C 246 1.20 14.93 -33.64
C LYS C 246 0.38 16.02 -32.99
N LYS C 247 -0.78 15.62 -32.48
CA LYS C 247 -1.64 16.49 -31.68
C LYS C 247 -0.88 17.06 -30.47
N ASN C 248 -0.83 18.38 -30.37
CA ASN C 248 -0.19 19.06 -29.25
C ASN C 248 1.33 18.96 -29.20
N VAL C 249 1.94 18.33 -30.19
CA VAL C 249 3.40 18.32 -30.27
C VAL C 249 3.84 19.54 -31.08
N LEU C 250 4.69 20.37 -30.49
CA LEU C 250 5.10 21.60 -31.16
C LEU C 250 6.40 21.43 -31.94
N TYR C 251 7.22 20.48 -31.51
CA TYR C 251 8.52 20.24 -32.11
C TYR C 251 9.08 18.94 -31.61
N GLN C 252 9.58 18.12 -32.52
CA GLN C 252 10.33 16.96 -32.08
C GLN C 252 11.47 16.63 -33.01
N LYS C 253 12.54 16.14 -32.41
CA LYS C 253 13.77 15.82 -33.11
C LYS C 253 14.14 14.47 -32.52
N LYS C 254 14.05 13.41 -33.33
CA LYS C 254 14.28 12.04 -32.87
C LYS C 254 15.11 11.25 -33.87
N ALA D 4 -13.89 28.10 -6.17
CA ALA D 4 -14.15 26.86 -6.88
C ALA D 4 -12.88 26.27 -7.48
N SEP D 5 -12.86 24.95 -7.65
CA SEP D 5 -11.68 24.24 -8.18
CB SEP D 5 -11.87 22.74 -8.13
OG SEP D 5 -11.72 22.27 -6.80
C SEP D 5 -11.36 24.66 -9.61
O SEP D 5 -12.24 24.70 -10.47
P SEP D 5 -12.44 20.84 -6.66
O1P SEP D 5 -12.32 20.38 -5.12
O2P SEP D 5 -13.95 21.00 -7.18
O3P SEP D 5 -11.68 19.80 -7.63
N GLN D 6 -10.09 24.97 -9.84
CA GLN D 6 -9.62 25.41 -11.15
C GLN D 6 -9.56 24.26 -12.15
N GLU D 7 -10.17 24.44 -13.32
CA GLU D 7 -10.04 23.47 -14.39
C GLU D 7 -8.80 23.82 -15.21
N LEU D 8 -8.07 22.81 -15.66
CA LEU D 8 -6.84 23.07 -16.39
C LEU D 8 -7.04 22.79 -17.89
#